data_3WD4
#
_entry.id   3WD4
#
_cell.length_a   97.455
_cell.length_b   97.455
_cell.length_c   197.537
_cell.angle_alpha   90.00
_cell.angle_beta   90.00
_cell.angle_gamma   90.00
#
_symmetry.space_group_name_H-M   'P 43 21 2'
#
loop_
_entity.id
_entity.type
_entity.pdbx_description
1 polymer 'Chitinase B'
2 non-polymer GLYCEROL
3 non-polymer 'SULFATE ION'
4 non-polymer [2-[[(2S)-1-[bis(phenylmethyl)amino]-5-[[N-(methylcarbamoyl)carbamimidoyl]amino]-1-oxidanylidene-pentan-2-yl]amino]-2-oxidanylidene-ethyl]-diazonio-azanide
5 non-polymer (E)-N-(prop-2-en-1-yloxy)-1-(quinolin-4-yl)methanimine
6 water water
#
_entity_poly.entity_id   1
_entity_poly.type   'polypeptide(L)'
_entity_poly.pdbx_seq_one_letter_code
;DPSSRSTRKAVIGYYFIPTNQINNYTETDTSVVPFPVSNITPAKAKQLTHINFSFLDINSNLECAWDPATNDAKARDVVN
RLTALKAHNPSLRIMFSIGGWYYSNDLGVSHANYVNAVKTPAARTKFAQSCVRIMKDYGFDGVDIDWEYPQAAEVDGFIA
ALQEIRTLLNQQTIADGRQALPYQLTIAGAGGAFFLSRYYSKLAQIVAPLDYINLMTYDLAGPWEKITNHQAALFGDAAG
PTFYNALREANLGWSWEELTRAFPSPFSLTVDAAVQQHLMMEGVPSAKIVMGVPFYGRAFKGVSGGNGGQYSSHSTPGED
PYPNADYWLVGCDECVRDKDPRIASYRQLEQMLQGNYGYQRLWNDKTKTPYLYHAQNGLFVTYDDAESFKYKAKYIKQQQ
LGGVMFWHLGQDNRNGDLLAALDRYFNAADYDDSQLDMGTGLRYTGVGPGNLPIMTAPAYVPGTTYAQGALVSYQGYVWQ
TKWGYITSAPGSDSAWLKVGRLA
;
_entity_poly.pdbx_strand_id   A
#
loop_
_chem_comp.id
_chem_comp.type
_chem_comp.name
_chem_comp.formula
A1L non-polymer [2-[[(2S)-1-[bis(phenylmethyl)amino]-5-[[N-(methylcarbamoyl)carbamimidoyl]amino]-1-oxidanylidene-pentan-2-yl]amino]-2-oxidanylidene-ethyl]-diazonio-azanide 'C24 H31 N9 O3'
GOL non-polymer GLYCEROL 'C3 H8 O3'
QUB non-polymer (E)-N-(prop-2-en-1-yloxy)-1-(quinolin-4-yl)methanimine 'C13 H12 N2 O'
SO4 non-polymer 'SULFATE ION' 'O4 S -2'
#
# COMPACT_ATOMS: atom_id res chain seq x y z
N SER A 6 -8.15 -16.93 12.71
CA SER A 6 -7.33 -18.10 12.45
C SER A 6 -6.16 -17.88 11.51
N THR A 7 -6.40 -17.75 10.22
CA THR A 7 -5.31 -17.56 9.28
C THR A 7 -4.33 -16.45 9.71
N ARG A 8 -3.05 -16.77 9.76
CA ARG A 8 -2.05 -15.78 10.21
C ARG A 8 -2.04 -14.57 9.27
N LYS A 9 -1.98 -13.36 9.83
CA LYS A 9 -1.92 -12.15 8.99
C LYS A 9 -0.52 -12.03 8.34
N ALA A 10 -0.46 -11.69 7.07
CA ALA A 10 0.82 -11.44 6.42
C ALA A 10 1.48 -10.21 7.04
N VAL A 11 2.81 -10.24 7.13
CA VAL A 11 3.60 -9.09 7.61
C VAL A 11 4.74 -9.03 6.63
N ILE A 12 4.64 -8.07 5.70
CA ILE A 12 5.49 -8.04 4.53
C ILE A 12 6.40 -6.82 4.62
N GLY A 13 7.70 -7.02 4.77
CA GLY A 13 8.61 -5.89 4.90
C GLY A 13 9.54 -5.77 3.72
N TYR A 14 9.61 -4.58 3.13
CA TYR A 14 10.61 -4.34 2.09
C TYR A 14 12.02 -4.33 2.66
N TYR A 15 12.95 -4.96 1.93
CA TYR A 15 14.38 -4.79 2.22
C TYR A 15 14.91 -4.13 1.00
N PHE A 16 15.30 -2.86 1.13
CA PHE A 16 15.82 -2.13 -0.02
C PHE A 16 17.33 -1.96 0.11
N ILE A 17 18.08 -2.25 -0.96
CA ILE A 17 19.51 -1.99 -0.92
C ILE A 17 19.95 -1.48 -2.28
N PRO A 18 20.53 -0.26 -2.32
CA PRO A 18 20.93 0.25 -3.64
C PRO A 18 22.14 -0.49 -4.23
N THR A 19 22.29 -0.38 -5.54
CA THR A 19 23.35 -1.08 -6.24
C THR A 19 24.74 -0.84 -5.63
N ASN A 20 25.07 0.42 -5.32
CA ASN A 20 26.40 0.75 -4.77
C ASN A 20 26.65 0.00 -3.45
N GLN A 21 25.60 -0.19 -2.67
CA GLN A 21 25.70 -0.92 -1.40
C GLN A 21 25.84 -2.41 -1.66
N ILE A 22 25.14 -2.92 -2.68
CA ILE A 22 25.38 -4.34 -3.03
C ILE A 22 26.85 -4.52 -3.42
N ASN A 23 27.32 -3.64 -4.30
CA ASN A 23 28.67 -3.78 -4.86
C ASN A 23 29.77 -3.61 -3.82
N ASN A 24 29.44 -2.91 -2.74
CA ASN A 24 30.38 -2.74 -1.61
C ASN A 24 29.86 -3.38 -0.32
N TYR A 25 29.06 -4.43 -0.44
CA TYR A 25 28.36 -5.02 0.71
C TYR A 25 29.30 -5.34 1.84
N THR A 26 28.92 -4.96 3.05
CA THR A 26 29.69 -5.34 4.22
C THR A 26 28.75 -5.33 5.42
N GLU A 27 28.90 -6.27 6.34
CA GLU A 27 28.09 -6.18 7.54
C GLU A 27 28.72 -5.43 8.73
N THR A 28 29.84 -4.76 8.51
CA THR A 28 30.55 -4.17 9.63
C THR A 28 30.90 -2.70 9.42
N ASP A 29 30.15 -2.01 8.57
CA ASP A 29 30.40 -0.60 8.35
C ASP A 29 29.14 0.14 7.94
N THR A 30 28.44 0.72 8.92
CA THR A 30 27.17 1.37 8.61
C THR A 30 27.31 2.60 7.75
N SER A 31 28.53 3.15 7.59
CA SER A 31 28.68 4.31 6.72
C SER A 31 28.69 3.83 5.26
N VAL A 32 28.88 2.53 5.04
CA VAL A 32 28.84 1.95 3.67
C VAL A 32 27.50 1.24 3.43
N VAL A 33 27.14 0.31 4.32
CA VAL A 33 25.81 -0.31 4.31
C VAL A 33 25.16 -0.08 5.66
N PRO A 34 24.24 0.91 5.74
CA PRO A 34 23.55 1.17 7.00
C PRO A 34 22.75 -0.01 7.54
N PHE A 35 22.14 -0.81 6.67
CA PHE A 35 21.24 -1.86 7.15
C PHE A 35 21.51 -3.20 6.48
N PRO A 36 22.61 -3.88 6.90
CA PRO A 36 22.97 -5.17 6.33
C PRO A 36 22.00 -6.26 6.78
N VAL A 37 21.99 -7.38 6.06
CA VAL A 37 21.05 -8.47 6.34
C VAL A 37 21.18 -8.96 7.79
N SER A 38 22.38 -8.90 8.37
CA SER A 38 22.56 -9.38 9.75
C SER A 38 21.77 -8.55 10.77
N ASN A 39 21.30 -7.35 10.39
CA ASN A 39 20.38 -6.64 11.31
C ASN A 39 19.01 -7.26 11.39
N ILE A 40 18.70 -8.15 10.45
CA ILE A 40 17.42 -8.87 10.53
C ILE A 40 17.72 -10.10 11.35
N THR A 41 17.62 -9.95 12.66
CA THR A 41 17.91 -11.03 13.58
C THR A 41 16.86 -12.13 13.49
N PRO A 42 17.17 -13.30 14.09
CA PRO A 42 16.18 -14.39 14.14
C PRO A 42 14.84 -13.96 14.73
N ALA A 43 14.83 -13.11 15.76
CA ALA A 43 13.55 -12.65 16.33
C ALA A 43 12.75 -11.86 15.28
N LYS A 44 13.44 -11.03 14.50
CA LYS A 44 12.74 -10.24 13.48
C LYS A 44 12.23 -11.16 12.36
N ALA A 45 13.09 -12.10 11.94
CA ALA A 45 12.73 -13.08 10.91
C ALA A 45 11.47 -13.85 11.25
N LYS A 46 11.26 -14.12 12.53
CA LYS A 46 10.09 -14.86 12.97
C LYS A 46 8.84 -14.01 12.91
N GLN A 47 9.01 -12.69 13.00
CA GLN A 47 7.88 -11.78 13.01
C GLN A 47 7.41 -11.36 11.59
N LEU A 48 8.22 -11.66 10.58
CA LEU A 48 7.87 -11.38 9.19
C LEU A 48 7.29 -12.61 8.53
N THR A 49 6.37 -12.42 7.57
CA THR A 49 6.00 -13.55 6.71
C THR A 49 6.66 -13.42 5.34
N HIS A 50 6.99 -12.20 4.94
CA HIS A 50 7.58 -11.98 3.63
C HIS A 50 8.58 -10.88 3.77
N ILE A 51 9.72 -11.04 3.12
CA ILE A 51 10.60 -9.90 2.91
C ILE A 51 10.64 -9.63 1.42
N ASN A 52 10.39 -8.38 1.01
CA ASN A 52 10.42 -8.05 -0.40
C ASN A 52 11.77 -7.46 -0.71
N PHE A 53 12.64 -8.24 -1.33
CA PHE A 53 13.93 -7.71 -1.74
C PHE A 53 13.70 -6.71 -2.87
N SER A 54 14.32 -5.52 -2.82
CA SER A 54 14.02 -4.48 -3.81
C SER A 54 15.27 -3.68 -4.20
N PHE A 55 15.43 -3.18 -5.45
CA PHE A 55 14.52 -3.40 -6.57
C PHE A 55 15.26 -3.99 -7.75
N LEU A 56 14.62 -4.91 -8.46
CA LEU A 56 15.07 -5.26 -9.79
C LEU A 56 14.26 -4.40 -10.80
N ASP A 57 14.55 -4.54 -12.09
CA ASP A 57 14.01 -3.65 -13.10
C ASP A 57 13.59 -4.47 -14.31
N ILE A 58 13.07 -3.79 -15.34
CA ILE A 58 12.86 -4.41 -16.63
C ILE A 58 13.80 -3.70 -17.60
N ASN A 59 14.64 -4.44 -18.32
CA ASN A 59 15.68 -3.84 -19.15
C ASN A 59 15.19 -3.59 -20.60
N SER A 60 16.05 -3.06 -21.47
CA SER A 60 15.58 -2.72 -22.81
C SER A 60 15.34 -3.98 -23.66
N ASN A 61 15.86 -5.12 -23.19
N ASN A 61 15.84 -5.14 -23.21
CA ASN A 61 15.53 -6.42 -23.76
CA ASN A 61 15.47 -6.41 -23.85
C ASN A 61 14.18 -6.93 -23.27
C ASN A 61 14.07 -6.85 -23.41
N LEU A 62 13.48 -6.09 -22.50
CA LEU A 62 12.12 -6.38 -21.98
C LEU A 62 12.07 -7.64 -21.13
N GLU A 63 13.14 -7.87 -20.37
CA GLU A 63 13.21 -8.91 -19.38
C GLU A 63 13.42 -8.32 -18.01
N CYS A 64 12.94 -9.04 -17.01
CA CYS A 64 13.26 -8.78 -15.61
C CYS A 64 14.79 -8.90 -15.47
N ALA A 65 15.43 -7.93 -14.82
CA ALA A 65 16.90 -7.91 -14.75
C ALA A 65 17.40 -7.10 -13.58
N TRP A 66 18.56 -7.45 -13.04
CA TRP A 66 19.25 -6.59 -12.08
C TRP A 66 19.72 -5.35 -12.78
N ASP A 67 19.83 -4.23 -12.07
CA ASP A 67 20.58 -3.07 -12.60
C ASP A 67 21.89 -3.62 -13.21
N PRO A 68 22.23 -3.25 -14.47
CA PRO A 68 23.41 -3.86 -15.10
C PRO A 68 24.75 -3.50 -14.41
N ALA A 69 24.78 -2.43 -13.62
CA ALA A 69 25.97 -2.11 -12.85
C ALA A 69 26.13 -3.04 -11.63
N THR A 70 25.15 -3.89 -11.37
CA THR A 70 25.27 -4.79 -10.21
C THR A 70 26.37 -5.81 -10.37
N ASN A 71 27.21 -5.94 -9.34
CA ASN A 71 28.16 -7.05 -9.28
C ASN A 71 27.40 -8.32 -8.95
N ASP A 72 27.40 -9.30 -9.86
CA ASP A 72 26.49 -10.46 -9.69
C ASP A 72 26.88 -11.34 -8.50
N ALA A 73 28.19 -11.57 -8.31
CA ALA A 73 28.59 -12.39 -7.15
C ALA A 73 28.14 -11.76 -5.82
N LYS A 74 28.27 -10.44 -5.70
CA LYS A 74 27.87 -9.75 -4.45
C LYS A 74 26.35 -9.78 -4.29
N ALA A 75 25.62 -9.70 -5.41
CA ALA A 75 24.15 -9.80 -5.35
C ALA A 75 23.72 -11.15 -4.82
N ARG A 76 24.30 -12.22 -5.35
CA ARG A 76 23.92 -13.56 -4.92
C ARG A 76 24.24 -13.74 -3.46
N ASP A 77 25.36 -13.17 -3.03
CA ASP A 77 25.76 -13.27 -1.61
C ASP A 77 24.72 -12.62 -0.68
N VAL A 78 24.28 -11.41 -1.02
CA VAL A 78 23.24 -10.70 -0.24
C VAL A 78 21.94 -11.50 -0.22
N VAL A 79 21.49 -11.95 -1.38
CA VAL A 79 20.24 -12.70 -1.46
C VAL A 79 20.36 -13.99 -0.66
N ASN A 80 21.52 -14.65 -0.77
CA ASN A 80 21.74 -15.88 0.01
C ASN A 80 21.62 -15.66 1.53
N ARG A 81 22.11 -14.52 2.00
CA ARG A 81 21.95 -14.20 3.41
C ARG A 81 20.49 -14.06 3.78
N LEU A 82 19.70 -13.43 2.89
CA LEU A 82 18.26 -13.33 3.17
C LEU A 82 17.60 -14.71 3.16
N THR A 83 17.89 -15.53 2.15
CA THR A 83 17.17 -16.80 2.11
C THR A 83 17.64 -17.72 3.26
N ALA A 84 18.86 -17.49 3.77
CA ALA A 84 19.35 -18.23 4.95
C ALA A 84 18.40 -18.06 6.13
N LEU A 85 17.76 -16.89 6.21
CA LEU A 85 16.83 -16.59 7.32
C LEU A 85 15.68 -17.55 7.40
N LYS A 86 15.35 -18.22 6.28
CA LYS A 86 14.23 -19.14 6.28
C LYS A 86 14.49 -20.33 7.21
N ALA A 87 15.75 -20.53 7.62
CA ALA A 87 16.07 -21.53 8.64
C ALA A 87 15.33 -21.23 9.95
N HIS A 88 15.13 -19.95 10.26
CA HIS A 88 14.42 -19.56 11.51
C HIS A 88 12.92 -19.47 11.41
N ASN A 89 12.35 -19.69 10.22
CA ASN A 89 10.92 -19.46 10.04
C ASN A 89 10.48 -20.16 8.75
N PRO A 90 9.92 -21.37 8.88
CA PRO A 90 9.51 -22.13 7.71
C PRO A 90 8.32 -21.49 6.99
N SER A 91 7.73 -20.42 7.54
CA SER A 91 6.66 -19.71 6.84
C SER A 91 7.21 -18.54 6.04
N LEU A 92 8.47 -18.17 6.27
CA LEU A 92 9.01 -16.95 5.66
C LEU A 92 9.29 -17.10 4.18
N ARG A 93 8.90 -16.07 3.41
CA ARG A 93 9.28 -16.00 2.00
C ARG A 93 10.18 -14.80 1.74
N ILE A 94 11.21 -15.00 0.92
CA ILE A 94 11.99 -13.89 0.37
C ILE A 94 11.49 -13.62 -1.07
N MET A 95 10.62 -12.63 -1.20
CA MET A 95 10.16 -12.20 -2.54
C MET A 95 11.20 -11.26 -3.14
N PHE A 96 11.15 -11.05 -4.46
CA PHE A 96 11.85 -9.90 -5.08
C PHE A 96 10.85 -9.02 -5.79
N SER A 97 11.15 -7.71 -5.78
CA SER A 97 10.26 -6.69 -6.34
CA SER A 97 10.26 -6.71 -6.33
C SER A 97 10.89 -6.09 -7.57
N ILE A 98 10.05 -5.92 -8.61
CA ILE A 98 10.46 -5.32 -9.86
C ILE A 98 9.76 -3.96 -9.95
N GLY A 99 10.55 -2.89 -10.11
CA GLY A 99 9.96 -1.58 -10.36
C GLY A 99 10.39 -0.59 -9.30
N GLY A 100 9.43 -0.03 -8.58
CA GLY A 100 9.69 1.10 -7.70
C GLY A 100 9.51 2.40 -8.47
N TRP A 101 9.39 3.49 -7.73
CA TRP A 101 9.13 4.79 -8.34
C TRP A 101 10.25 5.20 -9.29
N TYR A 102 11.49 5.02 -8.88
CA TYR A 102 12.63 5.52 -9.70
C TYR A 102 12.64 4.88 -11.10
N TYR A 103 12.50 3.55 -11.15
CA TYR A 103 12.55 2.86 -12.43
C TYR A 103 11.28 3.07 -13.26
N SER A 104 10.10 3.07 -12.63
CA SER A 104 8.87 2.79 -13.35
C SER A 104 7.83 3.91 -13.41
N ASN A 105 8.10 5.05 -12.76
CA ASN A 105 7.14 6.15 -12.86
C ASN A 105 7.05 6.63 -14.30
N ASP A 106 6.00 7.42 -14.62
CA ASP A 106 5.73 7.82 -15.99
C ASP A 106 6.94 8.45 -16.67
N LEU A 107 7.75 9.17 -15.89
CA LEU A 107 8.99 9.76 -16.41
C LEU A 107 10.22 9.02 -15.91
N GLY A 108 10.07 7.78 -15.43
CA GLY A 108 11.24 7.11 -14.84
C GLY A 108 12.21 6.60 -15.89
N VAL A 109 13.42 6.25 -15.49
CA VAL A 109 14.46 5.86 -16.47
C VAL A 109 14.13 4.61 -17.30
N SER A 110 13.31 3.70 -16.78
CA SER A 110 13.03 2.45 -17.48
C SER A 110 11.57 2.36 -17.92
N HIS A 111 10.84 3.47 -17.86
CA HIS A 111 9.38 3.40 -18.00
C HIS A 111 8.92 2.71 -19.26
N ALA A 112 9.54 3.03 -20.40
CA ALA A 112 9.12 2.45 -21.66
C ALA A 112 9.27 0.90 -21.67
N ASN A 113 10.20 0.38 -20.89
CA ASN A 113 10.44 -1.08 -20.85
C ASN A 113 9.23 -1.79 -20.19
N TYR A 114 8.62 -1.13 -19.21
CA TYR A 114 7.41 -1.67 -18.55
C TYR A 114 6.26 -1.69 -19.55
N VAL A 115 6.04 -0.55 -20.22
CA VAL A 115 5.01 -0.43 -21.23
C VAL A 115 5.19 -1.51 -22.32
N ASN A 116 6.43 -1.67 -22.80
CA ASN A 116 6.66 -2.57 -23.91
C ASN A 116 6.65 -4.04 -23.51
N ALA A 117 7.09 -4.32 -22.29
CA ALA A 117 7.17 -5.73 -21.82
C ALA A 117 5.79 -6.36 -21.77
N VAL A 118 4.75 -5.57 -21.52
CA VAL A 118 3.41 -6.13 -21.32
C VAL A 118 2.52 -6.01 -22.56
N LYS A 119 3.10 -5.49 -23.64
CA LYS A 119 2.31 -4.94 -24.72
C LYS A 119 1.73 -5.98 -25.65
N THR A 120 2.42 -7.09 -25.83
CA THR A 120 1.94 -8.10 -26.80
C THR A 120 2.07 -9.50 -26.18
N PRO A 121 1.38 -10.50 -26.77
CA PRO A 121 1.49 -11.84 -26.19
C PRO A 121 2.94 -12.33 -26.15
N ALA A 122 3.68 -12.13 -27.22
CA ALA A 122 5.06 -12.59 -27.24
C ALA A 122 5.92 -11.87 -26.21
N ALA A 123 5.72 -10.56 -26.05
CA ALA A 123 6.50 -9.82 -25.06
C ALA A 123 6.17 -10.31 -23.65
N ARG A 124 4.88 -10.51 -23.40
CA ARG A 124 4.45 -10.96 -22.07
C ARG A 124 5.04 -12.31 -21.76
N THR A 125 5.11 -13.20 -22.75
CA THR A 125 5.72 -14.52 -22.51
C THR A 125 7.21 -14.38 -22.17
N LYS A 126 7.94 -13.59 -22.98
CA LYS A 126 9.36 -13.40 -22.70
C LYS A 126 9.55 -12.75 -21.33
N PHE A 127 8.76 -11.74 -21.03
CA PHE A 127 8.86 -11.10 -19.71
C PHE A 127 8.53 -12.08 -18.55
N ALA A 128 7.40 -12.77 -18.66
CA ALA A 128 7.00 -13.69 -17.59
C ALA A 128 8.06 -14.74 -17.37
N GLN A 129 8.53 -15.34 -18.46
CA GLN A 129 9.60 -16.32 -18.30
C GLN A 129 10.80 -15.76 -17.55
N SER A 130 11.24 -14.55 -17.90
CA SER A 130 12.41 -13.97 -17.22
C SER A 130 12.17 -13.78 -15.72
N CYS A 131 10.95 -13.41 -15.34
CA CYS A 131 10.64 -13.28 -13.91
C CYS A 131 10.82 -14.61 -13.14
N VAL A 132 10.30 -15.71 -13.69
CA VAL A 132 10.44 -16.99 -12.98
C VAL A 132 11.87 -17.49 -13.05
N ARG A 133 12.55 -17.21 -14.16
CA ARG A 133 13.96 -17.61 -14.30
CA ARG A 133 13.97 -17.59 -14.29
C ARG A 133 14.82 -16.91 -13.21
N ILE A 134 14.64 -15.60 -13.10
CA ILE A 134 15.36 -14.85 -12.08
C ILE A 134 15.02 -15.41 -10.70
N MET A 135 13.73 -15.67 -10.48
CA MET A 135 13.29 -16.16 -9.17
C MET A 135 14.04 -17.44 -8.82
N LYS A 136 14.10 -18.40 -9.77
CA LYS A 136 14.74 -19.69 -9.51
C LYS A 136 16.25 -19.57 -9.41
N ASP A 137 16.83 -18.74 -10.27
CA ASP A 137 18.25 -18.61 -10.35
C ASP A 137 18.82 -18.05 -9.03
N TYR A 138 18.13 -17.07 -8.44
CA TYR A 138 18.63 -16.40 -7.24
C TYR A 138 18.06 -17.00 -5.94
N GLY A 139 17.07 -17.87 -6.08
CA GLY A 139 16.53 -18.54 -4.89
C GLY A 139 15.40 -17.79 -4.19
N PHE A 140 14.72 -16.90 -4.91
CA PHE A 140 13.59 -16.17 -4.35
C PHE A 140 12.36 -17.01 -4.27
N ASP A 141 11.37 -16.59 -3.45
CA ASP A 141 10.16 -17.39 -3.21
C ASP A 141 8.91 -16.86 -3.91
N GLY A 142 9.07 -15.82 -4.71
CA GLY A 142 7.90 -15.25 -5.36
C GLY A 142 8.26 -13.89 -5.97
N VAL A 143 7.29 -13.28 -6.65
CA VAL A 143 7.51 -12.09 -7.51
C VAL A 143 6.53 -11.01 -7.04
N ASP A 144 7.05 -9.80 -6.82
CA ASP A 144 6.25 -8.63 -6.49
C ASP A 144 6.44 -7.60 -7.61
N ILE A 145 5.34 -7.06 -8.14
CA ILE A 145 5.49 -6.10 -9.22
C ILE A 145 5.10 -4.72 -8.68
N ASP A 146 6.02 -3.76 -8.78
CA ASP A 146 5.73 -2.43 -8.21
C ASP A 146 5.88 -1.43 -9.35
N TRP A 147 4.97 -1.50 -10.31
CA TRP A 147 4.98 -0.52 -11.42
C TRP A 147 4.07 0.60 -11.01
N GLU A 148 4.64 1.80 -10.91
CA GLU A 148 3.86 2.95 -10.44
C GLU A 148 3.68 3.98 -11.58
N TYR A 149 2.71 3.82 -12.50
CA TYR A 149 1.64 2.79 -12.48
C TYR A 149 1.24 2.57 -13.94
N PRO A 150 0.77 1.35 -14.28
CA PRO A 150 0.22 1.23 -15.65
C PRO A 150 -0.95 2.20 -15.88
N GLN A 151 -1.01 2.82 -17.05
CA GLN A 151 -2.07 3.79 -17.36
C GLN A 151 -3.21 2.97 -17.83
N ALA A 152 -4.40 3.58 -17.89
CA ALA A 152 -5.61 2.86 -18.22
C ALA A 152 -5.48 2.06 -19.54
N ALA A 153 -4.78 2.63 -20.53
CA ALA A 153 -4.54 1.96 -21.82
C ALA A 153 -3.66 0.71 -21.78
N GLU A 154 -2.83 0.58 -20.74
CA GLU A 154 -1.78 -0.47 -20.64
C GLU A 154 -2.32 -1.57 -19.71
N VAL A 155 -3.48 -1.33 -19.13
CA VAL A 155 -3.96 -2.17 -18.04
C VAL A 155 -4.25 -3.59 -18.55
N ASP A 156 -4.83 -3.73 -19.75
CA ASP A 156 -5.12 -5.11 -20.26
C ASP A 156 -3.83 -5.92 -20.43
N GLY A 157 -2.76 -5.29 -20.90
CA GLY A 157 -1.49 -5.99 -21.05
C GLY A 157 -0.91 -6.36 -19.69
N PHE A 158 -1.00 -5.42 -18.75
CA PHE A 158 -0.52 -5.66 -17.36
C PHE A 158 -1.28 -6.88 -16.75
N ILE A 159 -2.59 -6.87 -16.88
CA ILE A 159 -3.44 -8.01 -16.44
C ILE A 159 -2.98 -9.31 -17.07
N ALA A 160 -2.80 -9.32 -18.40
CA ALA A 160 -2.35 -10.57 -19.05
C ALA A 160 -0.95 -10.99 -18.58
N ALA A 161 -0.07 -10.02 -18.31
CA ALA A 161 1.26 -10.37 -17.82
C ALA A 161 1.20 -11.05 -16.46
N LEU A 162 0.40 -10.48 -15.55
CA LEU A 162 0.15 -11.11 -14.23
C LEU A 162 -0.42 -12.55 -14.37
N GLN A 163 -1.41 -12.73 -15.25
CA GLN A 163 -1.98 -14.04 -15.47
C GLN A 163 -0.90 -15.02 -15.93
N GLU A 164 -0.01 -14.57 -16.80
CA GLU A 164 0.97 -15.50 -17.34
C GLU A 164 2.06 -15.83 -16.33
N ILE A 165 2.51 -14.84 -15.57
CA ILE A 165 3.40 -15.09 -14.45
C ILE A 165 2.81 -16.08 -13.45
N ARG A 166 1.54 -15.89 -13.10
CA ARG A 166 0.85 -16.81 -12.22
C ARG A 166 0.94 -18.26 -12.75
N THR A 167 0.64 -18.48 -14.03
CA THR A 167 0.70 -19.85 -14.57
C THR A 167 2.10 -20.39 -14.42
N LEU A 168 3.11 -19.59 -14.75
CA LEU A 168 4.51 -20.10 -14.67
C LEU A 168 4.94 -20.39 -13.22
N LEU A 169 4.46 -19.57 -12.28
CA LEU A 169 4.74 -19.77 -10.87
C LEU A 169 4.11 -21.09 -10.40
N ASN A 170 2.87 -21.31 -10.77
CA ASN A 170 2.15 -22.54 -10.42
C ASN A 170 2.84 -23.77 -10.98
N GLN A 171 3.35 -23.67 -12.21
CA GLN A 171 4.14 -24.78 -12.76
C GLN A 171 5.37 -25.04 -11.91
N GLN A 172 6.05 -23.97 -11.54
CA GLN A 172 7.24 -24.08 -10.74
C GLN A 172 6.94 -24.70 -9.37
N THR A 173 5.84 -24.31 -8.73
CA THR A 173 5.44 -24.87 -7.44
C THR A 173 5.27 -26.41 -7.59
N ILE A 174 4.55 -26.85 -8.62
CA ILE A 174 4.42 -28.30 -8.89
C ILE A 174 5.81 -28.95 -9.12
N ALA A 175 6.63 -28.36 -9.99
CA ALA A 175 7.93 -28.93 -10.29
C ALA A 175 8.81 -29.10 -9.06
N ASP A 176 8.72 -28.18 -8.12
CA ASP A 176 9.56 -28.21 -6.95
C ASP A 176 8.87 -28.86 -5.74
N GLY A 177 7.68 -29.41 -5.93
CA GLY A 177 6.91 -29.97 -4.82
C GLY A 177 6.78 -28.96 -3.70
N ARG A 178 6.49 -27.70 -4.04
CA ARG A 178 6.45 -26.63 -3.05
C ARG A 178 5.07 -26.29 -2.51
N GLN A 179 4.16 -27.27 -2.47
CA GLN A 179 2.80 -27.00 -2.04
C GLN A 179 2.74 -26.48 -0.59
N ALA A 180 3.79 -26.73 0.20
CA ALA A 180 3.78 -26.31 1.58
C ALA A 180 4.07 -24.81 1.65
N LEU A 181 4.76 -24.29 0.63
CA LEU A 181 5.08 -22.85 0.62
C LEU A 181 5.09 -22.42 -0.87
N PRO A 182 3.92 -22.38 -1.51
CA PRO A 182 3.87 -22.21 -2.96
C PRO A 182 4.52 -20.88 -3.40
N TYR A 183 5.11 -20.83 -4.58
CA TYR A 183 5.58 -19.54 -5.08
C TYR A 183 4.43 -18.54 -5.23
N GLN A 184 4.68 -17.29 -4.83
CA GLN A 184 3.62 -16.30 -4.78
C GLN A 184 3.82 -15.12 -5.74
N LEU A 185 2.73 -14.42 -6.01
CA LEU A 185 2.74 -13.23 -6.86
C LEU A 185 2.02 -12.10 -6.13
N THR A 186 2.67 -10.94 -5.97
CA THR A 186 1.98 -9.80 -5.40
C THR A 186 2.20 -8.55 -6.25
N ILE A 187 1.38 -7.54 -6.03
CA ILE A 187 1.77 -6.18 -6.51
C ILE A 187 1.70 -5.17 -5.40
N ALA A 188 2.50 -4.10 -5.55
CA ALA A 188 2.28 -2.90 -4.73
C ALA A 188 1.25 -2.09 -5.48
N GLY A 189 0.08 -1.90 -4.88
CA GLY A 189 -1.01 -1.18 -5.53
C GLY A 189 -1.10 0.27 -5.05
N ALA A 190 -1.72 1.13 -5.87
CA ALA A 190 -1.96 2.55 -5.49
C ALA A 190 -2.77 2.55 -4.22
N GLY A 191 -2.47 3.49 -3.32
CA GLY A 191 -3.22 3.63 -2.07
C GLY A 191 -4.06 4.90 -2.04
N GLY A 192 -4.20 5.55 -3.19
CA GLY A 192 -4.93 6.83 -3.27
C GLY A 192 -5.68 6.84 -4.59
N ALA A 193 -6.85 7.49 -4.60
CA ALA A 193 -7.77 7.44 -5.73
C ALA A 193 -7.23 7.96 -7.07
N PHE A 194 -6.34 8.96 -7.05
CA PHE A 194 -5.85 9.49 -8.31
C PHE A 194 -5.08 8.47 -9.12
N PHE A 195 -4.07 7.85 -8.53
CA PHE A 195 -3.40 6.78 -9.25
C PHE A 195 -4.26 5.50 -9.39
N LEU A 196 -5.00 5.16 -8.36
CA LEU A 196 -5.87 3.97 -8.40
C LEU A 196 -6.82 4.05 -9.62
N SER A 197 -7.24 5.27 -9.96
CA SER A 197 -8.22 5.39 -11.05
C SER A 197 -7.68 4.86 -12.37
N ARG A 198 -6.36 4.75 -12.50
CA ARG A 198 -5.80 4.19 -13.75
C ARG A 198 -6.28 2.77 -14.07
N TYR A 199 -6.43 1.91 -13.05
CA TYR A 199 -6.82 0.52 -13.32
C TYR A 199 -8.00 0.07 -12.49
N TYR A 200 -8.61 1.02 -11.78
CA TYR A 200 -9.70 0.69 -10.87
C TYR A 200 -10.83 -0.14 -11.49
N SER A 201 -11.25 0.22 -12.70
CA SER A 201 -12.37 -0.45 -13.34
C SER A 201 -12.07 -1.94 -13.56
N LYS A 202 -10.80 -2.31 -13.64
CA LYS A 202 -10.46 -3.71 -13.86
C LYS A 202 -9.81 -4.35 -12.63
N LEU A 203 -10.18 -3.87 -11.44
CA LEU A 203 -9.50 -4.27 -10.24
C LEU A 203 -9.65 -5.78 -9.99
N ALA A 204 -10.84 -6.34 -10.26
CA ALA A 204 -11.01 -7.78 -10.03
C ALA A 204 -10.03 -8.62 -10.88
N GLN A 205 -9.80 -8.22 -12.12
CA GLN A 205 -8.88 -8.95 -13.01
C GLN A 205 -7.43 -8.83 -12.56
N ILE A 206 -7.09 -7.64 -12.04
CA ILE A 206 -5.74 -7.41 -11.50
C ILE A 206 -5.47 -8.27 -10.25
N VAL A 207 -6.44 -8.37 -9.35
CA VAL A 207 -6.25 -9.05 -8.08
C VAL A 207 -6.37 -10.60 -8.25
N ALA A 208 -7.14 -11.06 -9.24
CA ALA A 208 -7.38 -12.52 -9.41
C ALA A 208 -6.09 -13.38 -9.37
N PRO A 209 -5.05 -13.03 -10.17
CA PRO A 209 -3.83 -13.84 -10.17
C PRO A 209 -2.90 -13.66 -8.96
N LEU A 210 -3.24 -12.71 -8.08
CA LEU A 210 -2.35 -12.37 -6.96
C LEU A 210 -2.65 -13.14 -5.70
N ASP A 211 -1.61 -13.40 -4.92
CA ASP A 211 -1.85 -13.78 -3.51
C ASP A 211 -2.26 -12.56 -2.67
N TYR A 212 -1.62 -11.40 -2.92
CA TYR A 212 -2.02 -10.19 -2.21
C TYR A 212 -1.87 -8.97 -3.11
N ILE A 213 -2.73 -7.98 -2.92
CA ILE A 213 -2.41 -6.63 -3.44
C ILE A 213 -2.02 -5.79 -2.22
N ASN A 214 -0.78 -5.31 -2.21
CA ASN A 214 -0.26 -4.55 -1.06
C ASN A 214 -0.46 -3.05 -1.31
N LEU A 215 -1.46 -2.47 -0.65
CA LEU A 215 -1.86 -1.10 -0.92
C LEU A 215 -0.81 -0.16 -0.36
N MET A 216 -0.35 0.78 -1.17
CA MET A 216 0.63 1.77 -0.68
C MET A 216 -0.17 2.88 -0.01
N THR A 217 -0.74 2.56 1.15
CA THR A 217 -1.57 3.51 1.89
C THR A 217 -0.68 4.42 2.76
N TYR A 218 0.16 5.18 2.06
CA TYR A 218 1.05 6.14 2.65
C TYR A 218 1.48 7.07 1.51
N ASP A 219 2.31 8.07 1.79
CA ASP A 219 2.58 9.09 0.78
C ASP A 219 1.27 9.76 0.33
N LEU A 220 0.25 9.78 1.18
CA LEU A 220 -0.99 10.47 0.82
C LEU A 220 -0.89 11.99 1.09
N ALA A 221 0.26 12.43 1.61
CA ALA A 221 0.57 13.86 1.73
C ALA A 221 2.03 13.98 1.43
N GLY A 222 2.45 15.16 1.04
CA GLY A 222 3.84 15.38 0.71
C GLY A 222 4.03 16.78 0.14
N PRO A 223 5.25 17.11 -0.29
CA PRO A 223 5.47 18.52 -0.64
C PRO A 223 4.78 18.92 -1.93
N TRP A 224 4.30 17.92 -2.69
CA TRP A 224 3.54 18.20 -3.93
C TRP A 224 2.16 18.70 -3.63
N GLU A 225 1.70 18.63 -2.37
CA GLU A 225 0.36 19.14 -2.03
C GLU A 225 0.45 20.54 -1.43
N LYS A 226 -0.59 21.33 -1.58
CA LYS A 226 -0.53 22.71 -1.14
C LYS A 226 -0.46 22.85 0.41
N ILE A 227 -1.12 21.92 1.09
CA ILE A 227 -1.44 22.02 2.51
C ILE A 227 -0.78 20.82 3.22
N THR A 228 -0.15 21.02 4.39
CA THR A 228 0.39 19.88 5.09
C THR A 228 -0.77 18.98 5.53
N ASN A 229 -0.50 17.68 5.66
CA ASN A 229 -1.52 16.74 6.06
C ASN A 229 -0.82 15.48 6.53
N HIS A 230 -1.56 14.63 7.22
CA HIS A 230 -1.07 13.28 7.56
C HIS A 230 -0.92 12.46 6.31
N GLN A 231 0.20 11.74 6.17
CA GLN A 231 0.46 10.95 4.94
C GLN A 231 -0.24 9.59 5.00
N ALA A 232 -0.75 9.19 6.17
CA ALA A 232 -1.38 7.86 6.28
C ALA A 232 -2.46 7.87 7.36
N ALA A 233 -3.32 8.87 7.33
CA ALA A 233 -4.44 9.00 8.26
C ALA A 233 -5.28 7.75 8.14
N LEU A 234 -5.65 7.12 9.27
CA LEU A 234 -6.54 5.93 9.17
C LEU A 234 -7.95 6.40 8.74
N PHE A 235 -8.49 7.38 9.46
CA PHE A 235 -9.80 7.95 9.18
C PHE A 235 -9.64 9.44 8.94
N GLY A 236 -10.69 10.10 8.48
CA GLY A 236 -10.61 11.49 8.06
C GLY A 236 -10.80 12.48 9.21
N ASP A 237 -10.25 13.67 9.05
CA ASP A 237 -10.42 14.80 10.01
C ASP A 237 -11.13 15.85 9.19
N ALA A 238 -12.36 16.22 9.54
CA ALA A 238 -13.07 17.25 8.76
C ALA A 238 -12.32 18.58 8.70
N ALA A 239 -11.38 18.81 9.62
CA ALA A 239 -10.58 20.04 9.55
C ALA A 239 -9.50 19.97 8.46
N GLY A 240 -9.20 18.76 8.00
CA GLY A 240 -8.12 18.60 7.03
C GLY A 240 -8.60 18.79 5.60
N PRO A 241 -7.69 18.74 4.62
CA PRO A 241 -8.06 18.97 3.24
C PRO A 241 -8.91 17.80 2.71
N THR A 242 -9.66 18.06 1.64
CA THR A 242 -10.39 16.97 0.96
C THR A 242 -10.09 17.02 -0.52
N PHE A 243 -10.37 15.93 -1.23
CA PHE A 243 -9.93 15.77 -2.61
C PHE A 243 -11.07 15.33 -3.51
N TYR A 244 -10.98 15.70 -4.78
CA TYR A 244 -11.87 15.17 -5.82
C TYR A 244 -11.75 13.65 -5.84
N ASN A 245 -12.88 12.96 -5.94
CA ASN A 245 -12.88 11.51 -6.04
C ASN A 245 -12.79 11.06 -7.51
N ALA A 246 -11.57 10.83 -8.00
CA ALA A 246 -11.34 10.55 -9.41
C ALA A 246 -12.04 9.24 -9.87
N LEU A 247 -12.28 8.34 -8.92
CA LEU A 247 -12.93 7.05 -9.27
C LEU A 247 -14.32 7.25 -9.92
N ARG A 248 -15.03 8.33 -9.58
CA ARG A 248 -16.38 8.54 -10.17
C ARG A 248 -16.29 8.76 -11.70
N GLU A 249 -15.09 9.03 -12.21
CA GLU A 249 -14.90 9.21 -13.64
C GLU A 249 -14.32 8.00 -14.31
N ALA A 250 -14.11 6.91 -13.55
CA ALA A 250 -13.54 5.69 -14.15
C ALA A 250 -14.55 5.03 -15.09
N ASN A 251 -14.07 4.21 -16.02
CA ASN A 251 -14.93 3.60 -17.05
C ASN A 251 -15.66 2.37 -16.51
N LEU A 252 -16.66 2.58 -15.64
CA LEU A 252 -17.30 1.51 -14.89
C LEU A 252 -18.61 1.10 -15.56
N GLY A 253 -19.20 2.02 -16.32
CA GLY A 253 -20.51 1.82 -16.92
C GLY A 253 -21.65 1.93 -15.91
N TRP A 254 -21.39 2.51 -14.74
CA TRP A 254 -22.44 2.59 -13.72
C TRP A 254 -23.36 3.79 -13.89
N SER A 255 -24.50 3.76 -13.22
CA SER A 255 -25.46 4.87 -13.32
C SER A 255 -25.09 6.03 -12.39
N TRP A 256 -25.77 7.17 -12.56
CA TRP A 256 -25.49 8.30 -11.67
C TRP A 256 -25.68 7.91 -10.22
N GLU A 257 -26.77 7.23 -9.89
CA GLU A 257 -27.00 6.88 -8.47
C GLU A 257 -25.91 5.92 -7.99
N GLU A 258 -25.54 4.95 -8.84
CA GLU A 258 -24.53 3.98 -8.44
C GLU A 258 -23.18 4.66 -8.18
N LEU A 259 -22.80 5.55 -9.09
CA LEU A 259 -21.54 6.32 -8.96
C LEU A 259 -21.55 7.16 -7.70
N THR A 260 -22.64 7.87 -7.47
CA THR A 260 -22.73 8.80 -6.37
C THR A 260 -22.62 8.05 -5.03
N ARG A 261 -23.30 6.89 -4.96
CA ARG A 261 -23.36 6.10 -3.73
C ARG A 261 -21.96 5.53 -3.41
N ALA A 262 -21.19 5.21 -4.45
CA ALA A 262 -19.87 4.60 -4.26
C ALA A 262 -18.76 5.62 -4.03
N PHE A 263 -18.89 6.80 -4.65
CA PHE A 263 -17.78 7.74 -4.73
C PHE A 263 -18.12 9.16 -4.23
N PRO A 264 -18.34 9.33 -2.92
CA PRO A 264 -18.59 10.70 -2.43
C PRO A 264 -17.43 11.60 -2.85
N SER A 265 -17.72 12.87 -3.18
CA SER A 265 -16.69 13.79 -3.63
C SER A 265 -17.11 15.21 -3.21
N PRO A 266 -16.20 15.99 -2.60
CA PRO A 266 -14.84 15.57 -2.25
C PRO A 266 -14.80 14.58 -1.08
N PHE A 267 -13.64 13.98 -0.82
CA PHE A 267 -13.56 12.97 0.21
C PHE A 267 -12.22 13.09 0.91
N SER A 268 -12.10 12.40 2.05
CA SER A 268 -10.87 12.43 2.81
C SER A 268 -9.90 11.35 2.34
N LEU A 269 -8.67 11.74 1.98
CA LEU A 269 -7.68 10.78 1.44
C LEU A 269 -7.04 10.00 2.60
N THR A 270 -7.59 8.83 2.93
CA THR A 270 -7.17 8.07 4.11
C THR A 270 -6.93 6.58 3.77
N VAL A 271 -6.35 5.86 4.73
CA VAL A 271 -6.11 4.46 4.55
C VAL A 271 -7.47 3.74 4.41
N ASP A 272 -8.43 4.08 5.28
CA ASP A 272 -9.80 3.50 5.24
C ASP A 272 -10.47 3.72 3.88
N ALA A 273 -10.29 4.92 3.31
CA ALA A 273 -10.83 5.22 1.96
C ALA A 273 -10.29 4.23 0.92
N ALA A 274 -8.95 4.07 0.84
CA ALA A 274 -8.36 3.13 -0.12
C ALA A 274 -8.88 1.70 0.11
N VAL A 275 -8.91 1.26 1.38
CA VAL A 275 -9.35 -0.11 1.65
C VAL A 275 -10.83 -0.29 1.18
N GLN A 276 -11.68 0.66 1.55
CA GLN A 276 -13.12 0.55 1.22
C GLN A 276 -13.31 0.62 -0.30
N GLN A 277 -12.52 1.46 -0.98
CA GLN A 277 -12.60 1.55 -2.43
C GLN A 277 -12.31 0.20 -3.09
N HIS A 278 -11.37 -0.53 -2.52
CA HIS A 278 -11.09 -1.89 -3.01
C HIS A 278 -12.24 -2.85 -2.74
N LEU A 279 -12.74 -2.81 -1.51
CA LEU A 279 -13.82 -3.73 -1.10
C LEU A 279 -15.14 -3.48 -1.88
N MET A 280 -15.33 -2.26 -2.36
CA MET A 280 -16.55 -1.95 -3.14
C MET A 280 -16.64 -2.72 -4.45
N MET A 281 -15.52 -3.20 -4.96
CA MET A 281 -15.51 -3.84 -6.25
C MET A 281 -15.80 -5.34 -6.12
N GLU A 282 -16.72 -5.82 -6.94
CA GLU A 282 -17.03 -7.25 -6.93
C GLU A 282 -15.81 -8.07 -7.32
N GLY A 283 -15.58 -9.19 -6.65
CA GLY A 283 -14.46 -10.04 -7.01
C GLY A 283 -13.15 -9.63 -6.36
N VAL A 284 -13.16 -8.68 -5.43
CA VAL A 284 -11.92 -8.28 -4.75
C VAL A 284 -12.05 -8.74 -3.28
N PRO A 285 -11.49 -9.91 -2.92
CA PRO A 285 -11.68 -10.44 -1.55
C PRO A 285 -10.86 -9.69 -0.51
N SER A 286 -11.49 -9.45 0.63
CA SER A 286 -10.82 -8.74 1.73
C SER A 286 -9.50 -9.43 2.09
N ALA A 287 -9.44 -10.77 1.99
CA ALA A 287 -8.23 -11.49 2.46
C ALA A 287 -7.02 -11.28 1.55
N LYS A 288 -7.22 -10.73 0.34
CA LYS A 288 -6.07 -10.46 -0.54
C LYS A 288 -5.58 -9.01 -0.36
N ILE A 289 -6.36 -8.21 0.33
CA ILE A 289 -6.00 -6.79 0.52
C ILE A 289 -5.05 -6.65 1.71
N VAL A 290 -3.88 -6.07 1.48
CA VAL A 290 -2.86 -5.88 2.52
C VAL A 290 -2.67 -4.37 2.70
N MET A 291 -2.67 -3.90 3.95
CA MET A 291 -2.57 -2.46 4.21
C MET A 291 -1.10 -2.06 4.34
N GLY A 292 -0.61 -1.16 3.48
CA GLY A 292 0.77 -0.70 3.60
C GLY A 292 0.82 0.34 4.73
N VAL A 293 1.93 0.37 5.47
CA VAL A 293 2.17 1.42 6.47
C VAL A 293 3.60 1.93 6.27
N PRO A 294 3.85 3.23 6.58
CA PRO A 294 5.21 3.74 6.39
C PRO A 294 6.06 3.57 7.69
N PHE A 295 7.33 3.20 7.55
CA PHE A 295 8.26 3.17 8.69
C PHE A 295 9.08 4.47 8.68
N TYR A 296 8.55 5.48 7.97
CA TYR A 296 9.21 6.80 7.89
C TYR A 296 8.18 7.91 7.99
N GLY A 297 8.65 9.13 8.28
CA GLY A 297 7.76 10.27 8.25
C GLY A 297 8.13 11.18 7.10
N ARG A 298 7.18 12.04 6.73
CA ARG A 298 7.44 13.09 5.75
C ARG A 298 7.44 14.44 6.44
N ALA A 299 8.47 15.24 6.15
CA ALA A 299 8.74 16.48 6.90
C ALA A 299 8.50 17.67 6.00
N PHE A 300 7.93 18.72 6.57
CA PHE A 300 7.62 19.98 5.87
C PHE A 300 8.23 21.14 6.65
N LYS A 301 8.65 22.19 5.95
CA LYS A 301 9.19 23.41 6.64
C LYS A 301 8.31 24.59 6.24
N GLY A 302 8.53 25.75 6.85
CA GLY A 302 7.70 26.95 6.59
C GLY A 302 6.25 26.84 7.00
N VAL A 303 5.96 26.03 8.03
CA VAL A 303 4.57 25.89 8.43
C VAL A 303 4.19 26.90 9.53
N SER A 304 2.93 27.35 9.53
CA SER A 304 2.37 28.21 10.59
C SER A 304 1.82 27.44 11.80
N GLY A 305 1.70 28.15 12.93
CA GLY A 305 1.17 27.56 14.14
C GLY A 305 -0.34 27.48 14.14
N GLY A 306 -0.90 27.11 15.27
CA GLY A 306 -2.34 27.17 15.42
C GLY A 306 -2.93 25.79 15.55
N ASN A 307 -2.54 24.88 14.66
CA ASN A 307 -3.01 23.52 14.78
C ASN A 307 -1.83 22.53 14.70
N GLY A 308 -0.73 22.89 15.37
CA GLY A 308 0.41 21.98 15.50
C GLY A 308 1.06 21.71 14.15
N GLY A 309 0.91 22.66 13.23
CA GLY A 309 1.47 22.53 11.91
C GLY A 309 0.63 21.73 10.93
N GLN A 310 -0.56 21.23 11.38
CA GLN A 310 -1.45 20.47 10.50
C GLN A 310 -2.24 21.43 9.59
N TYR A 311 -2.37 21.06 8.32
CA TYR A 311 -3.26 21.77 7.40
C TYR A 311 -2.77 23.20 7.19
N SER A 312 -1.46 23.37 7.12
CA SER A 312 -0.83 24.65 6.91
C SER A 312 -0.23 24.78 5.53
N SER A 313 -0.10 26.01 5.02
CA SER A 313 0.73 26.16 3.83
C SER A 313 2.18 25.92 4.30
N HIS A 314 3.11 25.72 3.36
CA HIS A 314 4.44 25.29 3.73
C HIS A 314 5.35 25.68 2.60
N SER A 315 6.66 25.64 2.85
N SER A 315 6.66 25.66 2.82
CA SER A 315 7.68 26.03 1.88
CA SER A 315 7.64 26.02 1.79
C SER A 315 8.65 24.87 1.62
C SER A 315 8.63 24.88 1.58
N THR A 316 8.12 23.65 1.50
CA THR A 316 8.97 22.49 1.37
C THR A 316 9.26 22.25 -0.12
N PRO A 317 10.54 22.22 -0.54
CA PRO A 317 10.80 21.99 -1.97
C PRO A 317 10.20 20.64 -2.41
N GLY A 318 9.64 20.60 -3.61
CA GLY A 318 9.11 19.35 -4.14
C GLY A 318 9.98 18.75 -5.24
N GLU A 319 11.13 19.36 -5.52
CA GLU A 319 11.95 18.92 -6.64
C GLU A 319 12.75 17.67 -6.29
N ASP A 320 13.15 16.95 -7.31
CA ASP A 320 13.96 15.76 -7.14
C ASP A 320 15.14 15.88 -8.09
N PRO A 321 16.39 15.90 -7.58
CA PRO A 321 16.77 15.67 -6.19
C PRO A 321 16.55 16.94 -5.36
N TYR A 322 16.67 16.80 -4.05
CA TYR A 322 16.48 17.94 -3.16
C TYR A 322 17.45 19.07 -3.60
N PRO A 323 16.91 20.29 -3.79
CA PRO A 323 17.62 21.27 -4.60
C PRO A 323 18.75 22.07 -3.97
N ASN A 324 19.02 21.92 -2.67
CA ASN A 324 20.18 22.58 -2.11
C ASN A 324 20.74 21.81 -0.94
N ALA A 325 21.69 22.39 -0.20
CA ALA A 325 22.32 21.68 0.90
C ALA A 325 21.81 22.19 2.26
N ASP A 326 20.65 22.84 2.27
CA ASP A 326 20.05 23.22 3.54
C ASP A 326 19.27 22.02 4.12
N TYR A 327 19.88 21.29 5.06
CA TYR A 327 19.21 20.11 5.66
C TYR A 327 18.57 20.61 6.93
N TRP A 328 17.35 21.15 6.79
CA TRP A 328 16.71 21.93 7.84
C TRP A 328 15.91 21.11 8.84
N LEU A 329 15.88 19.78 8.67
CA LEU A 329 15.14 18.97 9.64
C LEU A 329 16.06 18.75 10.87
N VAL A 330 15.91 19.63 11.87
CA VAL A 330 16.83 19.69 13.02
C VAL A 330 16.98 18.34 13.65
N GLY A 331 18.22 17.87 13.85
CA GLY A 331 18.43 16.60 14.55
C GLY A 331 18.42 15.38 13.63
N CYS A 332 18.06 15.58 12.37
CA CYS A 332 17.99 14.43 11.45
C CYS A 332 19.36 14.08 10.82
N ASP A 333 20.17 13.28 11.53
CA ASP A 333 21.49 12.95 11.01
C ASP A 333 21.40 12.11 9.74
N GLU A 334 20.46 11.18 9.70
CA GLU A 334 20.31 10.40 8.47
C GLU A 334 19.95 11.28 7.26
N CYS A 335 19.18 12.35 7.49
CA CYS A 335 18.86 13.32 6.41
C CYS A 335 20.11 13.93 5.81
N VAL A 336 21.09 14.25 6.65
CA VAL A 336 22.37 14.77 6.14
C VAL A 336 23.06 13.69 5.30
N ARG A 337 23.13 12.47 5.84
CA ARG A 337 23.71 11.33 5.12
C ARG A 337 23.05 11.21 3.74
N ASP A 338 21.73 11.31 3.67
CA ASP A 338 21.00 11.09 2.44
C ASP A 338 20.72 12.38 1.67
N LYS A 339 21.22 13.52 2.18
CA LYS A 339 21.04 14.82 1.50
C LYS A 339 19.60 15.15 1.18
N ASP A 340 18.71 14.95 2.14
CA ASP A 340 17.30 15.20 1.94
C ASP A 340 16.60 15.30 3.29
N PRO A 341 16.13 16.50 3.63
CA PRO A 341 15.49 16.68 4.95
C PRO A 341 14.00 16.34 4.92
N ARG A 342 13.52 15.83 3.79
CA ARG A 342 12.05 15.69 3.64
C ARG A 342 11.51 14.33 4.07
N ILE A 343 12.39 13.38 4.30
CA ILE A 343 11.99 12.04 4.75
C ILE A 343 12.87 11.63 5.93
N ALA A 344 12.26 11.13 7.00
CA ALA A 344 13.02 10.66 8.17
C ALA A 344 12.48 9.32 8.65
N SER A 345 13.37 8.34 8.76
CA SER A 345 12.96 7.03 9.30
C SER A 345 12.38 7.20 10.71
N TYR A 346 11.47 6.30 11.07
CA TYR A 346 11.06 6.20 12.47
C TYR A 346 12.31 6.10 13.40
N ARG A 347 13.29 5.29 13.02
CA ARG A 347 14.54 5.14 13.82
C ARG A 347 15.10 6.55 14.19
N GLN A 348 15.19 7.42 13.19
CA GLN A 348 15.72 8.77 13.37
C GLN A 348 14.73 9.66 14.14
N LEU A 349 13.43 9.55 13.86
CA LEU A 349 12.45 10.39 14.50
C LEU A 349 12.41 10.15 16.02
N GLU A 350 12.60 8.92 16.46
CA GLU A 350 12.71 8.66 17.89
C GLU A 350 13.85 9.44 18.49
N GLN A 351 15.00 9.42 17.84
CA GLN A 351 16.16 10.16 18.36
C GLN A 351 15.91 11.68 18.38
N MET A 352 15.18 12.18 17.39
CA MET A 352 14.89 13.62 17.27
C MET A 352 14.00 14.07 18.41
N LEU A 353 13.03 13.24 18.76
N LEU A 353 13.06 13.22 18.78
CA LEU A 353 12.18 13.52 19.91
CA LEU A 353 12.15 13.48 19.88
C LEU A 353 13.00 13.50 21.20
C LEU A 353 12.83 13.33 21.25
N GLN A 354 13.87 12.50 21.32
CA GLN A 354 14.59 12.30 22.58
C GLN A 354 15.63 13.38 22.84
N GLY A 355 16.26 13.89 21.78
CA GLY A 355 17.27 14.96 21.89
C GLY A 355 16.66 16.33 22.15
N ASN A 356 17.53 17.31 22.42
CA ASN A 356 17.15 18.71 22.63
C ASN A 356 17.01 19.41 21.27
N TYR A 357 15.99 19.02 20.49
CA TYR A 357 15.92 19.57 19.12
C TYR A 357 14.70 20.42 18.91
N GLY A 358 13.83 20.50 19.91
CA GLY A 358 12.69 21.41 19.84
C GLY A 358 11.36 20.85 19.29
N TYR A 359 11.22 19.52 19.15
CA TYR A 359 9.95 18.94 18.69
C TYR A 359 9.00 18.58 19.81
N GLN A 360 7.71 18.75 19.57
CA GLN A 360 6.69 18.14 20.40
C GLN A 360 6.04 16.99 19.61
N ARG A 361 5.76 15.87 20.27
CA ARG A 361 4.98 14.82 19.61
C ARG A 361 3.54 15.04 19.90
N LEU A 362 2.71 15.21 18.86
CA LEU A 362 1.31 15.45 19.07
C LEU A 362 0.53 14.26 18.47
N TRP A 363 -0.75 14.18 18.75
CA TRP A 363 -1.63 13.06 18.34
C TRP A 363 -2.94 13.57 17.80
N ASN A 364 -3.37 13.11 16.64
CA ASN A 364 -4.67 13.52 16.12
C ASN A 364 -5.60 12.35 16.40
N ASP A 365 -6.64 12.57 17.19
CA ASP A 365 -7.45 11.44 17.63
C ASP A 365 -8.55 11.08 16.61
N LYS A 366 -8.67 11.83 15.53
CA LYS A 366 -9.58 11.48 14.43
C LYS A 366 -8.83 10.58 13.44
N THR A 367 -7.65 11.02 13.00
CA THR A 367 -6.85 10.25 12.06
C THR A 367 -6.17 9.07 12.74
N LYS A 368 -6.02 9.13 14.08
CA LYS A 368 -5.33 8.07 14.84
C LYS A 368 -3.83 7.96 14.43
N THR A 369 -3.19 9.12 14.28
CA THR A 369 -1.79 9.17 13.87
C THR A 369 -1.08 10.25 14.62
N PRO A 370 0.23 10.05 14.87
CA PRO A 370 1.09 11.00 15.55
C PRO A 370 1.67 12.01 14.57
N TYR A 371 2.20 13.10 15.08
CA TYR A 371 2.93 14.05 14.24
C TYR A 371 3.87 14.84 15.11
N LEU A 372 4.98 15.31 14.53
CA LEU A 372 5.88 16.22 15.27
C LEU A 372 5.65 17.64 14.80
N TYR A 373 5.75 18.58 15.74
CA TYR A 373 5.66 19.98 15.45
C TYR A 373 6.86 20.67 16.11
N HIS A 374 7.61 21.43 15.31
CA HIS A 374 8.73 22.26 15.80
C HIS A 374 8.22 23.69 15.77
N ALA A 375 7.71 24.16 16.91
CA ALA A 375 7.11 25.51 16.95
C ALA A 375 8.12 26.61 16.61
N GLN A 376 9.37 26.47 17.01
CA GLN A 376 10.32 27.57 16.79
C GLN A 376 10.63 27.80 15.29
N ASN A 377 10.91 26.72 14.56
CA ASN A 377 11.32 26.86 13.15
C ASN A 377 10.16 26.71 12.15
N GLY A 378 9.03 26.23 12.64
CA GLY A 378 7.85 26.01 11.78
C GLY A 378 8.03 24.73 10.96
N LEU A 379 8.23 23.59 11.64
CA LEU A 379 8.33 22.29 10.95
C LEU A 379 7.20 21.38 11.40
N PHE A 380 6.80 20.47 10.50
CA PHE A 380 5.70 19.51 10.76
C PHE A 380 6.17 18.18 10.16
N VAL A 381 6.04 17.09 10.93
CA VAL A 381 6.39 15.75 10.42
C VAL A 381 5.20 14.80 10.62
N THR A 382 4.75 14.16 9.54
CA THR A 382 3.69 13.15 9.65
C THR A 382 4.34 11.76 9.59
N TYR A 383 4.04 10.90 10.58
CA TYR A 383 4.63 9.56 10.57
C TYR A 383 3.70 8.60 11.31
N ASP A 384 4.16 7.36 11.44
CA ASP A 384 3.39 6.36 12.13
C ASP A 384 4.25 5.76 13.24
N ASP A 385 3.59 5.25 14.28
CA ASP A 385 4.37 4.61 15.36
C ASP A 385 3.58 3.41 15.93
N ALA A 386 4.10 2.83 17.01
CA ALA A 386 3.46 1.66 17.58
C ALA A 386 2.03 1.96 18.04
N GLU A 387 1.74 3.22 18.39
CA GLU A 387 0.36 3.59 18.77
C GLU A 387 -0.59 3.66 17.57
N SER A 388 -0.18 4.30 16.48
CA SER A 388 -1.06 4.34 15.29
C SER A 388 -1.27 2.91 14.76
N PHE A 389 -0.27 2.06 14.97
CA PHE A 389 -0.35 0.69 14.50
C PHE A 389 -1.39 -0.13 15.27
N LYS A 390 -1.70 0.25 16.50
CA LYS A 390 -2.79 -0.44 17.23
C LYS A 390 -4.11 -0.27 16.47
N TYR A 391 -4.41 0.94 16.01
CA TYR A 391 -5.69 1.19 15.35
C TYR A 391 -5.73 0.53 13.98
N LYS A 392 -4.60 0.62 13.27
CA LYS A 392 -4.48 -0.01 11.98
C LYS A 392 -4.55 -1.55 12.04
N ALA A 393 -3.88 -2.14 13.05
CA ALA A 393 -4.02 -3.59 13.28
C ALA A 393 -5.46 -3.98 13.60
N LYS A 394 -6.14 -3.21 14.46
CA LYS A 394 -7.53 -3.50 14.76
C LYS A 394 -8.39 -3.41 13.50
N TYR A 395 -8.11 -2.42 12.65
CA TYR A 395 -8.88 -2.28 11.39
C TYR A 395 -8.64 -3.47 10.47
N ILE A 396 -7.38 -3.90 10.36
CA ILE A 396 -7.01 -5.08 9.57
C ILE A 396 -7.81 -6.32 10.01
N LYS A 397 -7.89 -6.51 11.32
CA LYS A 397 -8.66 -7.66 11.86
C LYS A 397 -10.17 -7.51 11.62
N GLN A 398 -10.74 -6.35 11.93
CA GLN A 398 -12.18 -6.07 11.79
C GLN A 398 -12.64 -6.17 10.34
N GLN A 399 -11.82 -5.67 9.43
CA GLN A 399 -12.16 -5.70 8.02
C GLN A 399 -11.73 -7.00 7.34
N GLN A 400 -11.14 -7.92 8.09
CA GLN A 400 -10.66 -9.20 7.58
C GLN A 400 -9.73 -9.06 6.37
N LEU A 401 -8.80 -8.10 6.49
CA LEU A 401 -7.76 -7.92 5.51
C LEU A 401 -6.70 -8.99 5.63
N GLY A 402 -5.88 -9.11 4.61
CA GLY A 402 -4.89 -10.16 4.55
C GLY A 402 -3.68 -9.92 5.44
N GLY A 403 -3.41 -8.66 5.78
CA GLY A 403 -2.25 -8.41 6.62
C GLY A 403 -1.74 -6.97 6.44
N VAL A 404 -0.45 -6.76 6.72
CA VAL A 404 0.22 -5.45 6.67
C VAL A 404 1.48 -5.55 5.81
N MET A 405 1.81 -4.48 5.09
CA MET A 405 3.07 -4.36 4.34
C MET A 405 3.72 -3.06 4.83
N PHE A 406 5.05 -2.97 4.79
CA PHE A 406 5.70 -1.71 5.16
C PHE A 406 6.98 -1.45 4.39
N TRP A 407 7.28 -0.15 4.24
CA TRP A 407 8.50 0.33 3.63
C TRP A 407 9.18 1.22 4.67
N HIS A 408 10.44 0.92 5.09
CA HIS A 408 11.16 -0.32 4.81
C HIS A 408 11.89 -0.79 6.06
N LEU A 409 12.43 -2.01 6.04
CA LEU A 409 13.01 -2.66 7.23
C LEU A 409 14.11 -1.84 7.92
N GLY A 410 14.93 -1.12 7.15
CA GLY A 410 16.05 -0.33 7.69
C GLY A 410 15.56 0.88 8.48
N GLN A 411 14.28 1.21 8.34
CA GLN A 411 13.74 2.39 9.00
C GLN A 411 13.12 2.11 10.36
N ASP A 412 12.88 0.83 10.69
CA ASP A 412 12.46 0.48 12.04
C ASP A 412 13.64 0.87 12.98
N ASN A 413 13.38 1.07 14.26
CA ASN A 413 14.48 1.32 15.17
C ASN A 413 15.36 0.07 15.34
N ARG A 414 16.45 0.24 16.07
CA ARG A 414 17.45 -0.81 16.22
C ARG A 414 16.89 -2.10 16.81
N ASN A 415 16.05 -1.98 17.82
CA ASN A 415 15.40 -3.12 18.40
C ASN A 415 14.19 -3.64 17.62
N GLY A 416 13.83 -3.01 16.50
CA GLY A 416 12.72 -3.54 15.66
C GLY A 416 11.39 -3.40 16.35
N ASP A 417 11.21 -2.30 17.08
CA ASP A 417 10.01 -2.14 17.87
C ASP A 417 8.74 -2.00 17.01
N LEU A 418 8.83 -1.42 15.81
CA LEU A 418 7.57 -1.29 14.99
C LEU A 418 7.07 -2.66 14.48
N LEU A 419 8.01 -3.45 13.97
CA LEU A 419 7.76 -4.82 13.53
C LEU A 419 7.24 -5.69 14.69
N ALA A 420 7.89 -5.56 15.86
CA ALA A 420 7.46 -6.31 17.06
C ALA A 420 6.05 -5.93 17.45
N ALA A 421 5.70 -4.65 17.35
CA ALA A 421 4.34 -4.20 17.70
C ALA A 421 3.31 -4.83 16.75
N LEU A 422 3.57 -4.79 15.44
CA LEU A 422 2.64 -5.36 14.50
C LEU A 422 2.45 -6.85 14.78
N ASP A 423 3.54 -7.56 14.97
CA ASP A 423 3.46 -8.96 15.31
C ASP A 423 2.64 -9.20 16.59
N ARG A 424 2.88 -8.39 17.61
CA ARG A 424 2.11 -8.51 18.87
C ARG A 424 0.61 -8.28 18.66
N TYR A 425 0.25 -7.27 17.89
CA TYR A 425 -1.15 -6.93 17.72
C TYR A 425 -1.94 -8.04 17.00
N PHE A 426 -1.27 -8.75 16.11
CA PHE A 426 -1.88 -9.86 15.39
C PHE A 426 -1.81 -11.18 16.15
N ASN A 427 -0.72 -11.40 16.88
CA ASN A 427 -0.36 -12.76 17.32
C ASN A 427 -0.17 -12.99 18.83
N ALA A 428 -0.02 -11.94 19.62
CA ALA A 428 0.24 -12.16 21.06
C ALA A 428 -1.04 -12.60 21.78
N ALA A 429 -0.97 -13.73 22.49
CA ALA A 429 -2.16 -14.23 23.18
C ALA A 429 -2.63 -13.24 24.25
N ASP A 430 -1.71 -12.49 24.85
CA ASP A 430 -2.10 -11.58 25.91
C ASP A 430 -2.45 -10.17 25.45
N TYR A 431 -2.36 -9.88 24.15
CA TYR A 431 -2.75 -8.53 23.70
C TYR A 431 -4.25 -8.46 23.44
N ASP A 432 -4.92 -7.47 23.99
CA ASP A 432 -6.36 -7.37 23.88
C ASP A 432 -6.71 -5.97 23.37
N ASP A 433 -7.33 -5.86 22.20
CA ASP A 433 -7.73 -4.52 21.72
C ASP A 433 -9.26 -4.41 21.64
N SER A 434 -9.96 -5.29 22.37
CA SER A 434 -11.42 -5.35 22.24
C SER A 434 -12.01 -4.02 22.68
N GLN A 435 -11.36 -3.34 23.60
CA GLN A 435 -11.83 -2.02 24.05
C GLN A 435 -11.10 -0.85 23.40
N LEU A 436 -10.28 -1.11 22.40
CA LEU A 436 -9.57 -0.01 21.76
C LEU A 436 -10.56 0.86 20.99
N ASP A 437 -10.63 2.15 21.30
CA ASP A 437 -11.65 3.00 20.71
C ASP A 437 -11.20 3.55 19.35
N MET A 438 -11.92 3.20 18.29
CA MET A 438 -11.50 3.59 16.93
C MET A 438 -11.84 5.03 16.57
N GLY A 439 -12.55 5.72 17.46
CA GLY A 439 -12.76 7.17 17.34
C GLY A 439 -13.90 7.57 16.45
N THR A 440 -14.06 8.86 16.23
CA THR A 440 -15.16 9.34 15.40
C THR A 440 -14.59 10.08 14.17
N GLY A 441 -13.36 9.76 13.78
CA GLY A 441 -12.84 10.28 12.52
C GLY A 441 -13.76 9.84 11.36
N LEU A 442 -13.68 10.55 10.23
CA LEU A 442 -14.57 10.30 9.10
C LEU A 442 -14.34 8.94 8.43
N ARG A 443 -15.37 8.10 8.40
CA ARG A 443 -15.30 6.85 7.63
C ARG A 443 -15.65 7.10 6.15
N TYR A 444 -15.01 6.35 5.25
CA TYR A 444 -15.41 6.36 3.86
C TYR A 444 -16.70 5.52 3.77
N THR A 445 -17.79 6.16 3.40
CA THR A 445 -19.11 5.50 3.40
C THR A 445 -19.55 4.90 2.07
N GLY A 446 -18.68 4.88 1.05
CA GLY A 446 -19.10 4.41 -0.27
C GLY A 446 -19.58 2.96 -0.23
N VAL A 447 -20.62 2.67 -1.00
CA VAL A 447 -21.05 1.28 -1.20
C VAL A 447 -21.07 0.97 -2.69
N GLY A 448 -20.61 -0.22 -3.04
CA GLY A 448 -20.59 -0.68 -4.42
C GLY A 448 -21.03 -2.14 -4.46
N PRO A 449 -20.95 -2.76 -5.64
CA PRO A 449 -21.48 -4.14 -5.84
C PRO A 449 -20.77 -5.16 -4.97
N GLY A 450 -19.53 -4.87 -4.57
CA GLY A 450 -18.74 -5.83 -3.83
C GLY A 450 -18.92 -5.77 -2.32
N ASN A 451 -19.62 -4.75 -1.83
CA ASN A 451 -19.74 -4.57 -0.37
C ASN A 451 -21.16 -4.19 0.08
N LEU A 452 -22.16 -4.80 -0.53
CA LEU A 452 -23.54 -4.49 -0.18
C LEU A 452 -23.80 -5.00 1.24
N PRO A 453 -24.46 -4.17 2.07
CA PRO A 453 -24.72 -4.67 3.42
C PRO A 453 -25.86 -5.69 3.46
N ILE A 454 -25.84 -6.54 4.47
CA ILE A 454 -26.98 -7.42 4.70
C ILE A 454 -28.17 -6.55 5.14
N MET A 455 -29.34 -6.83 4.57
CA MET A 455 -30.56 -6.09 4.91
C MET A 455 -31.77 -7.03 4.81
N THR A 456 -32.89 -6.56 5.35
CA THR A 456 -34.20 -7.19 5.14
C THR A 456 -35.22 -6.12 4.77
N ALA A 457 -36.29 -6.53 4.12
CA ALA A 457 -37.34 -5.60 3.74
C ALA A 457 -38.49 -6.50 3.35
N PRO A 458 -39.72 -5.96 3.35
CA PRO A 458 -40.90 -6.69 2.88
C PRO A 458 -40.71 -7.16 1.46
N ALA A 459 -41.24 -8.32 1.14
CA ALA A 459 -41.20 -8.82 -0.23
C ALA A 459 -41.91 -7.87 -1.20
N TYR A 460 -41.28 -7.65 -2.35
CA TYR A 460 -41.91 -6.98 -3.48
C TYR A 460 -43.26 -7.60 -3.81
N VAL A 461 -44.27 -6.75 -4.04
CA VAL A 461 -45.61 -7.23 -4.42
C VAL A 461 -46.00 -6.63 -5.75
N PRO A 462 -46.21 -7.48 -6.78
CA PRO A 462 -46.70 -7.02 -8.07
C PRO A 462 -47.95 -6.13 -7.89
N GLY A 463 -48.08 -5.05 -8.67
CA GLY A 463 -49.27 -4.21 -8.60
C GLY A 463 -49.23 -3.07 -7.59
N THR A 464 -48.31 -3.15 -6.63
CA THR A 464 -48.16 -2.10 -5.66
C THR A 464 -47.39 -0.90 -6.22
N THR A 465 -47.82 0.31 -5.88
CA THR A 465 -47.19 1.52 -6.44
C THR A 465 -46.24 2.10 -5.40
N TYR A 466 -44.94 1.93 -5.60
CA TYR A 466 -44.00 2.34 -4.58
C TYR A 466 -43.51 3.78 -4.71
N ALA A 467 -43.54 4.52 -3.61
CA ALA A 467 -42.99 5.87 -3.54
C ALA A 467 -41.46 5.84 -3.62
N GLN A 468 -40.88 6.98 -3.95
CA GLN A 468 -39.44 7.15 -3.97
C GLN A 468 -38.88 6.76 -2.62
N GLY A 469 -37.77 6.04 -2.61
CA GLY A 469 -37.15 5.62 -1.36
C GLY A 469 -37.73 4.35 -0.74
N ALA A 470 -38.80 3.77 -1.29
CA ALA A 470 -39.33 2.50 -0.77
C ALA A 470 -38.29 1.35 -0.87
N LEU A 471 -38.23 0.49 0.15
CA LEU A 471 -37.36 -0.70 0.17
C LEU A 471 -38.15 -2.01 0.08
N VAL A 472 -37.73 -2.91 -0.81
CA VAL A 472 -38.34 -4.24 -0.93
C VAL A 472 -37.29 -5.34 -1.04
N SER A 473 -37.68 -6.58 -0.74
CA SER A 473 -36.77 -7.71 -0.99
C SER A 473 -37.28 -8.44 -2.21
N TYR A 474 -36.36 -8.92 -3.03
CA TYR A 474 -36.70 -9.59 -4.27
C TYR A 474 -35.49 -10.34 -4.84
N GLN A 475 -35.71 -11.62 -5.15
CA GLN A 475 -34.70 -12.46 -5.77
C GLN A 475 -33.30 -12.29 -5.16
N GLY A 476 -33.24 -12.37 -3.84
CA GLY A 476 -31.97 -12.42 -3.13
C GLY A 476 -31.42 -11.10 -2.62
N TYR A 477 -32.06 -9.99 -3.00
CA TYR A 477 -31.54 -8.67 -2.63
C TYR A 477 -32.60 -7.72 -2.07
N VAL A 478 -32.15 -6.63 -1.47
CA VAL A 478 -33.04 -5.55 -1.08
C VAL A 478 -32.78 -4.39 -2.05
N TRP A 479 -33.87 -3.80 -2.53
CA TRP A 479 -33.85 -2.80 -3.60
C TRP A 479 -34.57 -1.57 -3.14
N GLN A 480 -34.15 -0.41 -3.65
CA GLN A 480 -34.76 0.85 -3.28
C GLN A 480 -35.23 1.63 -4.52
N THR A 481 -36.45 2.15 -4.51
CA THR A 481 -36.90 2.91 -5.68
C THR A 481 -36.12 4.24 -5.74
N LYS A 482 -35.70 4.59 -6.93
CA LYS A 482 -34.94 5.82 -7.18
C LYS A 482 -35.88 7.03 -7.32
N TRP A 483 -37.06 6.80 -7.90
CA TRP A 483 -38.14 7.78 -7.88
C TRP A 483 -39.44 7.08 -7.56
N GLY A 484 -40.55 7.81 -7.61
CA GLY A 484 -41.89 7.21 -7.40
C GLY A 484 -42.69 7.64 -8.60
N TYR A 485 -43.70 6.89 -9.01
CA TYR A 485 -44.21 5.71 -8.37
C TYR A 485 -43.93 4.51 -9.26
N ILE A 486 -43.21 3.54 -8.70
CA ILE A 486 -42.71 2.43 -9.47
C ILE A 486 -43.60 1.19 -9.27
N THR A 487 -43.91 0.49 -10.36
CA THR A 487 -44.57 -0.82 -10.21
C THR A 487 -43.79 -1.97 -10.87
N SER A 488 -42.59 -1.70 -11.43
CA SER A 488 -41.84 -2.75 -12.15
C SER A 488 -41.21 -3.72 -11.14
N ALA A 489 -40.91 -4.93 -11.61
CA ALA A 489 -40.18 -5.89 -10.77
C ALA A 489 -38.73 -5.39 -10.58
N PRO A 490 -38.20 -5.46 -9.35
CA PRO A 490 -36.86 -4.95 -9.12
C PRO A 490 -35.84 -5.65 -10.03
N GLY A 491 -34.94 -4.87 -10.64
CA GLY A 491 -33.89 -5.40 -11.48
C GLY A 491 -34.34 -5.51 -12.90
N SER A 492 -35.63 -5.31 -13.16
CA SER A 492 -36.10 -5.39 -14.54
C SER A 492 -35.91 -4.13 -15.36
N ASP A 493 -35.73 -2.97 -14.71
CA ASP A 493 -35.52 -1.72 -15.44
C ASP A 493 -34.68 -0.78 -14.57
N SER A 494 -34.59 0.49 -14.93
CA SER A 494 -33.64 1.35 -14.24
C SER A 494 -34.18 2.00 -12.97
N ALA A 495 -35.42 1.67 -12.56
CA ALA A 495 -36.09 2.38 -11.45
C ALA A 495 -35.62 1.94 -10.07
N TRP A 496 -35.06 0.72 -9.97
CA TRP A 496 -34.66 0.14 -8.69
C TRP A 496 -33.18 0.11 -8.50
N LEU A 497 -32.72 0.53 -7.35
CA LEU A 497 -31.31 0.45 -7.00
C LEU A 497 -31.12 -0.75 -6.08
N LYS A 498 -30.21 -1.64 -6.41
CA LYS A 498 -29.88 -2.71 -5.48
C LYS A 498 -29.08 -2.14 -4.29
N VAL A 499 -29.62 -2.21 -3.08
CA VAL A 499 -28.97 -1.54 -1.93
C VAL A 499 -28.49 -2.52 -0.86
N GLY A 500 -28.98 -3.75 -0.88
CA GLY A 500 -28.57 -4.71 0.15
C GLY A 500 -28.70 -6.12 -0.34
N ARG A 501 -28.16 -7.06 0.42
CA ARG A 501 -28.32 -8.46 0.09
C ARG A 501 -29.00 -9.17 1.27
N LEU A 502 -29.78 -10.19 0.94
CA LEU A 502 -30.47 -10.96 1.98
C LEU A 502 -29.48 -11.89 2.69
C1 GOL B . 2.63 -16.95 5.44
O1 GOL B . 2.32 -16.20 4.27
C2 GOL B . 1.41 -16.96 6.36
O2 GOL B . 0.69 -18.11 5.96
C3 GOL B . 0.46 -15.77 6.16
O3 GOL B . -0.89 -16.26 6.30
C1 GOL C . -16.19 11.29 4.41
O1 GOL C . -16.34 12.52 3.71
C2 GOL C . -15.45 10.33 3.47
O2 GOL C . -14.18 10.89 3.08
C3 GOL C . -16.35 10.02 2.27
O3 GOL C . -17.24 8.92 2.54
C1 GOL D . -21.01 12.87 -3.45
O1 GOL D . -20.44 13.74 -2.49
C2 GOL D . -20.70 13.39 -4.83
O2 GOL D . -21.45 14.55 -5.14
C3 GOL D . -20.95 12.29 -5.85
O3 GOL D . -19.65 11.99 -6.36
C1 GOL E . 21.65 18.68 10.93
O1 GOL E . 20.42 18.34 10.27
C2 GOL E . 21.98 17.91 12.22
O2 GOL E . 21.42 16.59 12.24
C3 GOL E . 21.44 18.69 13.41
O3 GOL E . 20.27 19.35 12.92
C1 GOL F . -3.83 -17.24 -7.39
O1 GOL F . -4.66 -16.98 -8.52
C2 GOL F . -4.65 -17.58 -6.16
O2 GOL F . -5.83 -16.72 -5.98
C3 GOL F . -3.66 -17.51 -5.00
O3 GOL F . -4.46 -17.31 -3.83
C1 GOL G . -7.93 -9.57 21.14
O1 GOL G . -8.63 -8.45 21.67
C2 GOL G . -6.97 -9.11 20.04
O2 GOL G . -7.71 -8.89 18.81
C3 GOL G . -5.92 -10.21 19.85
O3 GOL G . -5.32 -10.16 18.55
C1 GOL H . -7.31 16.14 17.40
O1 GOL H . -7.07 14.99 18.21
C2 GOL H . -8.80 16.50 17.45
O2 GOL H . -9.61 15.33 17.64
C3 GOL H . -9.18 17.24 16.17
O3 GOL H . -10.61 17.28 16.06
C1 GOL I . -43.24 11.17 -6.97
O1 GOL I . -44.60 11.64 -6.98
C2 GOL I . -42.76 10.97 -5.53
O2 GOL I . -41.52 11.65 -5.33
C3 GOL I . -42.52 9.49 -5.25
O3 GOL I . -43.10 9.13 -4.00
C1 GOL J . -14.40 1.36 10.68
O1 GOL J . -15.56 2.15 10.83
C2 GOL J . -14.28 0.49 11.93
O2 GOL J . -14.04 1.23 13.14
C3 GOL J . -13.16 -0.52 11.68
O3 GOL J . -13.63 -1.44 10.67
S SO4 K . 0.02 -3.00 24.80
O1 SO4 K . -0.49 -4.16 25.57
O2 SO4 K . 0.85 -2.17 25.69
O3 SO4 K . -1.16 -2.18 24.38
O4 SO4 K . 0.84 -3.47 23.62
C9 A1L L . 6.95 -0.26 -2.37
N6 A1L L . 6.92 0.92 -3.23
C8 A1L L . 6.72 2.11 -2.69
O3 A1L L . 6.57 2.27 -1.50
N4 A1L L . 6.68 3.15 -3.54
C7 A1L L . 6.51 4.44 -3.27
N5 A1L L . 6.39 4.89 -2.03
N3 A1L L . 6.51 5.28 -4.29
C6 A1L L . 6.34 6.73 -4.21
C5 A1L L . 7.43 7.38 -3.38
C4 A1L L . 8.68 7.74 -4.18
C2 A1L L . 9.79 8.40 -3.33
N2 A1L L . 9.76 9.85 -3.59
C3 A1L L . 9.82 10.78 -2.63
O1 A1L L . 9.89 10.55 -1.43
C10 A1L L . 9.82 12.23 -3.08
N7 A1L L . 10.82 13.01 -2.34
N8 A1L L . 10.36 13.83 -1.71
N9 A1L L . 9.94 14.64 -1.09
C1 A1L L . 11.14 7.86 -3.82
O2 A1L L . 11.28 7.57 -5.01
N1 A1L L . 12.14 7.77 -2.93
C12 A1L L . 13.48 7.38 -3.37
C13 A1L L . 13.76 5.90 -3.25
C20 A1L L . 13.01 5.01 -3.98
C21 A1L L . 13.29 3.68 -3.87
C22 A1L L . 14.31 3.24 -3.05
C23 A1L L . 15.07 4.14 -2.34
C24 A1L L . 14.79 5.48 -2.44
C11 A1L L . 12.01 8.16 -1.53
C14 A1L L . 10.98 7.28 -0.83
C15 A1L L . 10.34 7.78 0.28
C16 A1L L . 9.40 7.01 0.93
C17 A1L L . 9.10 5.75 0.45
C18 A1L L . 9.75 5.23 -0.66
C19 A1L L . 10.70 6.00 -1.30
C5 QUB M . 4.52 11.40 -5.54
C5 QUB M . 4.56 11.45 -5.52
C6 QUB M . 4.72 10.35 -4.69
C6 QUB M . 4.58 10.31 -4.74
C7 QUB M . 3.64 9.65 -4.17
C7 QUB M . 3.40 9.77 -4.27
C8 QUB M . 2.37 10.06 -4.49
C8 QUB M . 2.21 10.37 -4.57
C9 QUB M . 2.18 11.14 -5.33
C9 QUB M . 2.19 11.53 -5.36
C4 QUB M . 3.25 11.81 -5.85
C4 QUB M . 3.37 12.06 -5.83
N1 QUB M . 3.06 12.85 -6.68
N1 QUB M . 3.36 13.17 -6.59
C3 QUB M . 4.05 13.53 -7.19
C3 QUB M . 4.48 13.69 -7.04
C2 QUB M . 5.35 13.16 -6.90
C2 QUB M . 5.71 13.12 -6.75
C1 QUB M . 5.58 12.08 -6.07
C1 QUB M . 5.74 11.98 -5.98
C10 QUB M . 6.87 11.74 -5.76
C10 QUB M . 6.93 11.34 -5.66
N2 QUB M . 7.58 12.79 -5.45
N2 QUB M . 8.05 11.92 -5.33
O1 QUB M . 8.87 12.72 -5.12
O1 QUB M . 9.09 11.09 -5.09
C11 QUB M . 9.39 14.04 -5.14
C11 QUB M . 10.02 11.10 -6.17
C12 QUB M . 9.74 14.40 -3.85
C12 QUB M . 11.11 10.30 -5.83
C13 QUB M . 8.83 15.09 -3.06
C13 QUB M . 12.38 10.83 -5.66
#